data_1Q67
#
_entry.id   1Q67
#
_cell.length_a   123.550
_cell.length_b   123.550
_cell.length_c   77.900
_cell.angle_alpha   90.00
_cell.angle_beta   90.00
_cell.angle_gamma   120.00
#
_symmetry.space_group_name_H-M   'P 3 2 1'
#
loop_
_entity.id
_entity.type
_entity.pdbx_description
1 polymer 'Decapping protein involved in mRNA degradation-Dcp1p'
2 water water
#
_entity_poly.entity_id   1
_entity_poly.type   'polypeptide(L)'
_entity_poly.pdbx_seq_one_letter_code
;MTGAATAAENSATQLEFYRKALNFNVIGRYDPKIKQLLFHTPHASLYKWDFKKDEWNKLEYQGVLAIYLRDVSQNTNLLP
VSPQEVDIFDSQNGSNNIQVNNGSDNSNRNSSGNGNSYKSNDSLTYNCGKTLSGKDIYNYGLIILNRINPDNFSMGIVPN
SVVNKRKVFNAEEDTLNPLECMGVEVKDELVIIKNLKHEVYGIWIHTVSDRQNIYELIKYLLENEPKDSFA
;
_entity_poly.pdbx_strand_id   A,B
#
# COMPACT_ATOMS: atom_id res chain seq x y z
N LEU A 22 -0.80 19.50 -13.98
CA LEU A 22 -1.72 19.23 -12.86
C LEU A 22 -2.40 17.87 -12.96
N ASN A 23 -3.69 17.86 -13.33
CA ASN A 23 -4.45 16.61 -13.45
C ASN A 23 -5.93 16.91 -13.73
N PHE A 24 -6.22 18.17 -14.04
CA PHE A 24 -7.58 18.63 -14.32
C PHE A 24 -8.30 17.81 -15.40
N ASN A 25 -7.67 17.68 -16.56
CA ASN A 25 -8.26 16.92 -17.68
C ASN A 25 -8.52 15.47 -17.29
N VAL A 26 -7.52 14.83 -16.70
CA VAL A 26 -7.67 13.44 -16.29
C VAL A 26 -8.88 13.25 -15.37
N ILE A 27 -9.01 14.10 -14.36
CA ILE A 27 -10.14 13.99 -13.44
C ILE A 27 -11.42 14.27 -14.21
N GLY A 28 -11.35 15.23 -15.12
CA GLY A 28 -12.49 15.59 -15.93
C GLY A 28 -13.10 14.42 -16.68
N ARG A 29 -12.28 13.44 -17.02
CA ARG A 29 -12.77 12.27 -17.74
C ARG A 29 -13.78 11.52 -16.88
N TYR A 30 -13.49 11.44 -15.58
CA TYR A 30 -14.35 10.71 -14.65
C TYR A 30 -15.42 11.56 -13.95
N ASP A 31 -15.11 12.83 -13.70
CA ASP A 31 -16.10 13.72 -13.06
C ASP A 31 -16.22 14.97 -13.91
N PRO A 32 -17.20 14.97 -14.83
CA PRO A 32 -17.48 16.07 -15.75
C PRO A 32 -17.76 17.41 -15.07
N LYS A 33 -18.12 17.37 -13.80
CA LYS A 33 -18.45 18.58 -13.06
C LYS A 33 -17.28 19.29 -12.38
N ILE A 34 -16.09 18.72 -12.48
CA ILE A 34 -14.95 19.39 -11.84
C ILE A 34 -14.85 20.79 -12.40
N LYS A 35 -14.61 21.76 -11.52
CA LYS A 35 -14.51 23.16 -11.92
C LYS A 35 -13.13 23.72 -11.65
N GLN A 36 -12.53 23.30 -10.53
CA GLN A 36 -11.21 23.75 -10.15
C GLN A 36 -10.55 22.74 -9.24
N LEU A 37 -9.33 22.36 -9.58
CA LEU A 37 -8.57 21.40 -8.79
C LEU A 37 -8.01 22.22 -7.63
N LEU A 38 -8.23 21.76 -6.41
CA LEU A 38 -7.76 22.50 -5.24
C LEU A 38 -6.48 21.95 -4.63
N PHE A 39 -6.30 20.64 -4.71
CA PHE A 39 -5.14 20.01 -4.12
C PHE A 39 -4.91 18.62 -4.69
N HIS A 40 -3.65 18.22 -4.79
CA HIS A 40 -3.33 16.89 -5.26
C HIS A 40 -1.99 16.43 -4.68
N THR A 41 -1.89 15.13 -4.44
CA THR A 41 -0.67 14.54 -3.91
C THR A 41 -0.45 13.26 -4.72
N PRO A 42 0.82 12.97 -5.08
CA PRO A 42 1.23 11.80 -5.87
C PRO A 42 0.97 10.42 -5.29
N HIS A 43 1.13 10.27 -3.98
CA HIS A 43 0.96 8.96 -3.38
C HIS A 43 0.10 8.96 -2.12
N ALA A 44 -1.06 8.33 -2.20
CA ALA A 44 -1.97 8.23 -1.08
C ALA A 44 -2.56 6.83 -1.13
N SER A 45 -2.71 6.20 0.03
CA SER A 45 -3.24 4.84 0.08
C SER A 45 -4.54 4.79 0.91
N LEU A 46 -5.56 4.13 0.37
CA LEU A 46 -6.85 4.06 1.02
C LEU A 46 -7.17 2.83 1.86
N TYR A 47 -7.77 3.09 3.01
CA TYR A 47 -8.18 2.06 3.95
C TYR A 47 -9.62 2.32 4.37
N LYS A 48 -10.27 1.28 4.88
CA LYS A 48 -11.63 1.44 5.36
C LYS A 48 -11.72 0.78 6.73
N TRP A 49 -12.38 1.47 7.67
CA TRP A 49 -12.52 0.95 9.02
C TRP A 49 -13.61 -0.11 9.09
N ASP A 50 -13.28 -1.20 9.78
CA ASP A 50 -14.22 -2.29 9.97
C ASP A 50 -14.64 -2.18 11.42
N PHE A 51 -15.92 -1.84 11.65
CA PHE A 51 -16.43 -1.69 13.01
C PHE A 51 -16.61 -3.01 13.75
N LYS A 52 -16.81 -4.09 12.99
CA LYS A 52 -16.99 -5.41 13.58
C LYS A 52 -15.66 -5.91 14.14
N LYS A 53 -14.68 -6.08 13.25
CA LYS A 53 -13.35 -6.54 13.65
C LYS A 53 -12.57 -5.44 14.34
N ASP A 54 -13.07 -4.21 14.25
CA ASP A 54 -12.42 -3.06 14.87
C ASP A 54 -10.98 -2.90 14.36
N GLU A 55 -10.83 -2.92 13.05
CA GLU A 55 -9.52 -2.79 12.43
C GLU A 55 -9.61 -2.12 11.06
N TRP A 56 -8.47 -1.71 10.52
CA TRP A 56 -8.42 -1.07 9.22
C TRP A 56 -8.23 -2.09 8.09
N ASN A 57 -9.14 -2.09 7.12
CA ASN A 57 -9.01 -2.99 5.97
C ASN A 57 -8.36 -2.21 4.83
N LYS A 58 -7.33 -2.76 4.22
CA LYS A 58 -6.69 -2.09 3.10
C LYS A 58 -7.57 -2.24 1.87
N LEU A 59 -7.87 -1.12 1.20
CA LEU A 59 -8.68 -1.20 -0.01
C LEU A 59 -7.77 -1.16 -1.25
N GLU A 60 -8.29 -1.59 -2.38
CA GLU A 60 -7.52 -1.65 -3.63
C GLU A 60 -7.15 -0.30 -4.25
N TYR A 61 -7.21 0.80 -3.50
CA TYR A 61 -6.88 2.08 -4.11
C TYR A 61 -5.66 2.76 -3.52
N GLN A 62 -4.73 3.12 -4.40
CA GLN A 62 -3.50 3.81 -4.03
C GLN A 62 -3.04 4.56 -5.27
N GLY A 63 -2.61 5.80 -5.10
CA GLY A 63 -2.16 6.56 -6.24
C GLY A 63 -2.33 8.06 -6.02
N VAL A 64 -2.65 8.77 -7.09
CA VAL A 64 -2.84 10.20 -7.01
C VAL A 64 -4.14 10.54 -6.27
N LEU A 65 -4.04 11.48 -5.34
CA LEU A 65 -5.19 11.91 -4.55
C LEU A 65 -5.42 13.39 -4.85
N ALA A 66 -6.63 13.72 -5.27
CA ALA A 66 -6.98 15.09 -5.58
C ALA A 66 -8.29 15.50 -4.92
N ILE A 67 -8.37 16.78 -4.56
CA ILE A 67 -9.56 17.36 -3.96
C ILE A 67 -9.88 18.52 -4.90
N TYR A 68 -11.14 18.61 -5.29
CA TYR A 68 -11.52 19.64 -6.24
C TYR A 68 -12.93 20.19 -6.07
N LEU A 69 -13.12 21.40 -6.58
CA LEU A 69 -14.40 22.10 -6.55
C LEU A 69 -15.24 21.55 -7.69
N ARG A 70 -16.52 21.28 -7.43
CA ARG A 70 -17.41 20.77 -8.46
C ARG A 70 -18.47 21.80 -8.80
N ASP A 71 -18.87 21.83 -10.07
CA ASP A 71 -19.90 22.75 -10.54
C ASP A 71 -21.24 22.09 -10.26
N VAL A 72 -21.98 22.62 -9.31
CA VAL A 72 -23.25 22.04 -8.96
C VAL A 72 -24.42 23.04 -9.04
N SER A 73 -24.30 23.99 -9.96
CA SER A 73 -25.33 25.02 -10.17
C SER A 73 -26.74 24.53 -9.84
N LYS A 135 -30.99 17.16 -6.51
CA LYS A 135 -30.10 18.29 -6.29
C LYS A 135 -28.74 17.78 -5.80
N ASP A 136 -27.71 17.93 -6.65
CA ASP A 136 -26.38 17.48 -6.29
C ASP A 136 -25.85 18.25 -5.08
N ILE A 137 -25.65 17.55 -3.97
CA ILE A 137 -25.15 18.18 -2.76
C ILE A 137 -23.63 18.17 -2.65
N TYR A 138 -22.95 17.48 -3.56
CA TYR A 138 -21.50 17.40 -3.52
C TYR A 138 -20.77 18.56 -4.16
N ASN A 139 -20.61 19.64 -3.40
CA ASN A 139 -19.93 20.83 -3.85
C ASN A 139 -18.46 20.51 -4.16
N TYR A 140 -17.90 19.56 -3.41
CA TYR A 140 -16.51 19.20 -3.58
C TYR A 140 -16.34 17.71 -3.76
N GLY A 141 -15.21 17.34 -4.36
CA GLY A 141 -14.95 15.93 -4.57
C GLY A 141 -13.53 15.57 -4.21
N LEU A 142 -13.37 14.30 -3.89
CA LEU A 142 -12.09 13.74 -3.54
C LEU A 142 -11.98 12.50 -4.42
N ILE A 143 -10.83 12.32 -5.04
CA ILE A 143 -10.65 11.16 -5.90
C ILE A 143 -9.25 10.59 -5.77
N ILE A 144 -9.16 9.26 -5.81
CA ILE A 144 -7.87 8.61 -5.77
C ILE A 144 -7.78 7.81 -7.07
N LEU A 145 -6.77 8.11 -7.86
CA LEU A 145 -6.57 7.44 -9.15
C LEU A 145 -5.35 6.52 -9.07
N ASN A 146 -5.59 5.23 -9.21
CA ASN A 146 -4.48 4.27 -9.15
C ASN A 146 -3.42 4.56 -10.21
N ARG A 147 -2.16 4.37 -9.84
CA ARG A 147 -1.07 4.62 -10.76
C ARG A 147 -0.72 3.40 -11.60
N ILE A 148 -0.90 2.21 -11.05
CA ILE A 148 -0.51 1.03 -11.79
C ILE A 148 -1.62 0.23 -12.46
N ASN A 149 -2.86 0.61 -12.20
CA ASN A 149 -4.00 -0.01 -12.87
C ASN A 149 -5.05 1.10 -13.04
N PRO A 150 -6.15 0.83 -13.75
CA PRO A 150 -7.21 1.84 -13.99
C PRO A 150 -8.20 2.19 -12.86
N ASP A 151 -8.11 1.49 -11.73
CA ASP A 151 -9.04 1.73 -10.63
C ASP A 151 -9.03 3.16 -10.06
N ASN A 152 -10.23 3.67 -9.80
CA ASN A 152 -10.40 5.01 -9.22
C ASN A 152 -11.38 4.91 -8.05
N PHE A 153 -11.12 5.69 -7.00
CA PHE A 153 -12.01 5.73 -5.85
C PHE A 153 -12.51 7.18 -5.80
N SER A 154 -13.83 7.34 -5.69
CA SER A 154 -14.40 8.67 -5.69
C SER A 154 -15.25 8.93 -4.45
N MET A 155 -15.09 10.11 -3.85
CA MET A 155 -15.84 10.49 -2.65
C MET A 155 -16.34 11.93 -2.70
N GLY A 156 -17.63 12.11 -2.46
CA GLY A 156 -18.19 13.45 -2.46
C GLY A 156 -17.93 14.14 -1.12
N ILE A 157 -17.73 15.46 -1.15
CA ILE A 157 -17.51 16.20 0.09
C ILE A 157 -18.63 17.22 0.24
N VAL A 158 -19.46 17.04 1.27
CA VAL A 158 -20.59 17.96 1.51
C VAL A 158 -20.35 18.87 2.71
N PRO A 159 -20.39 20.19 2.50
CA PRO A 159 -20.18 21.14 3.61
C PRO A 159 -21.27 20.94 4.67
N ASN A 160 -20.94 21.14 5.94
CA ASN A 160 -21.90 20.96 7.03
C ASN A 160 -23.14 21.84 6.86
N SER A 161 -22.94 23.08 6.40
CA SER A 161 -24.04 24.00 6.22
C SER A 161 -25.07 23.39 5.27
N VAL A 162 -24.61 22.71 4.23
CA VAL A 162 -25.55 22.11 3.29
C VAL A 162 -26.29 20.97 3.97
N VAL A 163 -25.58 20.15 4.73
CA VAL A 163 -26.23 19.05 5.42
C VAL A 163 -27.25 19.56 6.45
N ASN A 164 -26.85 20.52 7.28
CA ASN A 164 -27.74 21.05 8.31
C ASN A 164 -28.96 21.73 7.71
N LYS A 165 -28.76 22.40 6.59
CA LYS A 165 -29.84 23.09 5.91
C LYS A 165 -30.86 22.06 5.43
N ARG A 166 -30.37 20.95 4.90
CA ARG A 166 -31.26 19.89 4.42
C ARG A 166 -32.07 19.35 5.61
N LYS A 167 -31.41 19.13 6.74
CA LYS A 167 -32.09 18.62 7.92
C LYS A 167 -33.16 19.55 8.48
N VAL A 168 -32.93 20.85 8.36
CA VAL A 168 -33.87 21.84 8.86
C VAL A 168 -35.00 22.22 7.90
N PHE A 169 -34.66 22.51 6.65
CA PHE A 169 -35.66 22.91 5.67
C PHE A 169 -36.10 21.81 4.72
N ASN A 170 -35.67 20.59 4.98
CA ASN A 170 -36.04 19.46 4.14
C ASN A 170 -36.12 18.19 4.99
N ALA A 171 -36.61 18.35 6.21
CA ALA A 171 -36.73 17.25 7.15
C ALA A 171 -37.37 15.99 6.57
N GLU A 172 -38.27 16.16 5.60
CA GLU A 172 -38.95 15.02 5.00
C GLU A 172 -37.95 14.09 4.32
N GLU A 173 -37.32 14.56 3.25
CA GLU A 173 -36.34 13.77 2.50
C GLU A 173 -35.28 13.15 3.42
N ASP A 174 -34.82 13.91 4.41
CA ASP A 174 -33.81 13.41 5.33
C ASP A 174 -34.39 12.25 6.14
N THR A 175 -35.62 12.43 6.64
CA THR A 175 -36.28 11.38 7.41
C THR A 175 -36.23 10.10 6.60
N LEU A 176 -36.47 10.23 5.29
CA LEU A 176 -36.43 9.09 4.39
C LEU A 176 -35.00 8.57 4.25
N ASN A 177 -34.09 9.45 3.83
CA ASN A 177 -32.69 9.10 3.64
C ASN A 177 -31.82 9.92 4.60
N PRO A 178 -31.77 9.52 5.89
CA PRO A 178 -30.99 10.19 6.93
C PRO A 178 -29.54 10.48 6.57
N LEU A 179 -29.13 11.74 6.70
CA LEU A 179 -27.76 12.16 6.41
C LEU A 179 -27.18 12.85 7.65
N GLU A 180 -25.90 12.61 7.89
CA GLU A 180 -25.21 13.21 9.03
C GLU A 180 -24.04 14.00 8.47
N CYS A 181 -23.56 14.99 9.23
CA CYS A 181 -22.43 15.80 8.79
C CYS A 181 -21.15 14.96 8.71
N MET A 182 -20.40 15.16 7.62
CA MET A 182 -19.15 14.44 7.44
C MET A 182 -18.13 14.94 8.45
N GLY A 183 -17.05 14.20 8.64
CA GLY A 183 -16.04 14.64 9.58
C GLY A 183 -14.64 14.23 9.16
N VAL A 184 -13.63 14.90 9.71
CA VAL A 184 -12.25 14.58 9.41
C VAL A 184 -11.40 14.75 10.63
N GLU A 185 -10.41 13.88 10.76
CA GLU A 185 -9.48 13.91 11.89
C GLU A 185 -8.18 13.24 11.46
N VAL A 186 -7.12 13.54 12.17
CA VAL A 186 -5.81 12.97 11.90
C VAL A 186 -5.46 12.12 13.10
N LYS A 187 -5.37 10.80 12.88
CA LYS A 187 -5.01 9.87 13.93
C LYS A 187 -3.84 9.04 13.42
N ASP A 188 -2.75 9.06 14.16
CA ASP A 188 -1.55 8.33 13.76
C ASP A 188 -1.01 9.02 12.51
N GLU A 189 -0.92 8.28 11.41
CA GLU A 189 -0.42 8.83 10.16
C GLU A 189 -1.58 8.98 9.17
N LEU A 190 -2.77 8.59 9.59
CA LEU A 190 -3.95 8.63 8.72
C LEU A 190 -4.87 9.85 8.80
N VAL A 191 -5.32 10.31 7.62
CA VAL A 191 -6.27 11.39 7.57
C VAL A 191 -7.57 10.58 7.53
N ILE A 192 -8.36 10.66 8.60
CA ILE A 192 -9.59 9.89 8.72
C ILE A 192 -10.83 10.69 8.34
N ILE A 193 -11.64 10.13 7.45
CA ILE A 193 -12.83 10.81 6.98
C ILE A 193 -14.10 10.00 7.16
N LYS A 194 -15.13 10.62 7.73
CA LYS A 194 -16.43 9.97 7.93
C LYS A 194 -17.36 10.58 6.88
N ASN A 195 -18.10 9.75 6.15
CA ASN A 195 -18.99 10.29 5.14
C ASN A 195 -20.41 10.49 5.65
N LEU A 196 -21.31 10.89 4.75
CA LEU A 196 -22.71 11.15 5.12
C LEU A 196 -23.45 9.97 5.73
N LYS A 197 -22.93 8.77 5.51
CA LYS A 197 -23.56 7.55 6.02
C LYS A 197 -22.77 6.92 7.16
N HIS A 198 -21.92 7.72 7.78
CA HIS A 198 -21.08 7.28 8.88
C HIS A 198 -20.12 6.12 8.57
N GLU A 199 -19.71 6.01 7.31
CA GLU A 199 -18.72 4.99 6.96
C GLU A 199 -17.43 5.75 7.19
N VAL A 200 -16.39 5.08 7.67
CA VAL A 200 -15.13 5.76 7.92
C VAL A 200 -13.97 5.24 7.07
N TYR A 201 -13.30 6.17 6.38
CA TYR A 201 -12.17 5.82 5.55
C TYR A 201 -10.89 6.42 6.13
N GLY A 202 -9.77 5.76 5.83
CA GLY A 202 -8.48 6.22 6.30
C GLY A 202 -7.56 6.39 5.10
N ILE A 203 -6.86 7.52 5.03
CA ILE A 203 -5.97 7.77 3.91
C ILE A 203 -4.54 8.01 4.39
N TRP A 204 -3.62 7.18 3.89
CA TRP A 204 -2.23 7.35 4.25
C TRP A 204 -1.56 8.17 3.17
N ILE A 205 -0.86 9.21 3.59
CA ILE A 205 -0.17 10.10 2.68
C ILE A 205 1.30 10.17 3.12
N HIS A 206 2.24 10.01 2.18
CA HIS A 206 3.64 10.06 2.56
C HIS A 206 4.07 11.46 2.94
N THR A 207 4.13 12.35 1.95
CA THR A 207 4.53 13.73 2.18
C THR A 207 3.80 14.20 3.44
N VAL A 208 4.52 14.25 4.55
CA VAL A 208 3.93 14.65 5.84
C VAL A 208 3.35 16.07 5.82
N SER A 209 3.86 16.90 4.93
CA SER A 209 3.38 18.27 4.84
C SER A 209 2.00 18.26 4.17
N ASP A 210 1.86 17.37 3.19
CA ASP A 210 0.61 17.21 2.45
C ASP A 210 -0.48 16.69 3.38
N ARG A 211 -0.09 15.87 4.34
CA ARG A 211 -1.02 15.29 5.28
C ARG A 211 -1.75 16.38 6.06
N GLN A 212 -1.00 17.37 6.51
CA GLN A 212 -1.58 18.46 7.27
C GLN A 212 -2.38 19.37 6.35
N ASN A 213 -1.87 19.60 5.15
CA ASN A 213 -2.56 20.46 4.20
C ASN A 213 -3.91 19.89 3.81
N ILE A 214 -3.98 18.59 3.55
CA ILE A 214 -5.22 17.96 3.16
C ILE A 214 -6.21 17.99 4.32
N TYR A 215 -5.70 17.84 5.53
CA TYR A 215 -6.53 17.87 6.72
C TYR A 215 -7.17 19.25 6.89
N GLU A 216 -6.35 20.30 6.77
CA GLU A 216 -6.86 21.66 6.92
C GLU A 216 -7.79 22.03 5.78
N LEU A 217 -7.49 21.57 4.57
CA LEU A 217 -8.34 21.86 3.43
C LEU A 217 -9.72 21.22 3.61
N ILE A 218 -9.76 19.94 3.95
CA ILE A 218 -11.04 19.26 4.13
C ILE A 218 -11.82 19.88 5.28
N LYS A 219 -11.13 20.25 6.34
CA LYS A 219 -11.79 20.88 7.48
C LYS A 219 -12.42 22.17 7.00
N TYR A 220 -11.63 22.99 6.30
CA TYR A 220 -12.12 24.24 5.77
C TYR A 220 -13.34 24.00 4.86
N LEU A 221 -13.24 23.05 3.94
CA LEU A 221 -14.36 22.77 3.04
C LEU A 221 -15.63 22.33 3.80
N LEU A 222 -15.45 21.66 4.93
CA LEU A 222 -16.59 21.21 5.71
C LEU A 222 -17.19 22.29 6.63
N GLU A 223 -16.36 23.20 7.15
CA GLU A 223 -16.79 24.25 8.07
C GLU A 223 -17.34 25.54 7.46
N ASN A 224 -17.11 25.74 6.17
CA ASN A 224 -17.57 26.97 5.53
C ASN A 224 -18.73 26.81 4.56
N GLU A 225 -19.27 27.95 4.14
CA GLU A 225 -20.35 28.00 3.16
C GLU A 225 -19.72 27.59 1.84
N PRO A 226 -20.44 26.83 1.01
CA PRO A 226 -20.03 26.32 -0.29
C PRO A 226 -19.40 27.26 -1.33
N LYS A 227 -18.74 26.60 -2.30
CA LYS A 227 -18.08 27.17 -3.48
C LYS A 227 -17.31 28.50 -3.43
N ASP A 228 -16.82 28.86 -4.62
CA ASP A 228 -16.06 30.07 -4.92
C ASP A 228 -15.45 29.92 -6.31
N PHE B 17 2.07 14.70 15.35
CA PHE B 17 2.79 13.40 15.23
C PHE B 17 3.38 12.97 16.56
N TYR B 18 3.39 11.67 16.82
CA TYR B 18 3.91 11.12 18.06
C TYR B 18 4.79 9.91 17.82
N ARG B 19 5.94 9.86 18.48
CA ARG B 19 6.86 8.74 18.34
C ARG B 19 6.21 7.52 18.99
N LYS B 20 6.32 6.36 18.34
CA LYS B 20 5.77 5.12 18.87
C LYS B 20 6.70 3.93 18.64
N ALA B 21 7.55 4.04 17.62
CA ALA B 21 8.45 2.95 17.27
C ALA B 21 9.56 2.65 18.27
N LEU B 22 9.95 1.39 18.30
CA LEU B 22 11.02 0.89 19.15
C LEU B 22 12.00 0.18 18.23
N ASN B 23 13.27 0.18 18.62
CA ASN B 23 14.31 -0.51 17.89
C ASN B 23 14.15 -1.93 18.44
N PHE B 24 13.59 -2.83 17.64
CA PHE B 24 13.34 -4.18 18.11
C PHE B 24 13.42 -5.21 16.97
N ASN B 25 13.78 -6.45 17.30
CA ASN B 25 13.86 -7.50 16.30
C ASN B 25 12.47 -8.08 16.06
N VAL B 26 11.62 -7.31 15.38
CA VAL B 26 10.26 -7.71 15.09
C VAL B 26 10.18 -8.83 14.04
N ILE B 27 11.11 -8.84 13.09
CA ILE B 27 11.11 -9.87 12.05
C ILE B 27 11.26 -11.22 12.73
N GLY B 28 12.19 -11.26 13.69
CA GLY B 28 12.46 -12.48 14.42
C GLY B 28 11.25 -13.15 15.04
N ARG B 29 10.17 -12.40 15.25
CA ARG B 29 8.98 -13.01 15.82
C ARG B 29 8.13 -13.72 14.79
N TYR B 30 8.41 -13.47 13.51
CA TYR B 30 7.66 -14.12 12.46
C TYR B 30 8.54 -15.15 11.76
N ASP B 31 9.84 -14.87 11.67
CA ASP B 31 10.81 -15.79 11.05
C ASP B 31 12.00 -15.87 12.00
N PRO B 32 11.99 -16.86 12.90
CA PRO B 32 13.05 -17.07 13.89
C PRO B 32 14.45 -17.19 13.30
N LYS B 33 14.54 -17.59 12.04
CA LYS B 33 15.84 -17.75 11.39
C LYS B 33 16.63 -16.47 11.08
N ILE B 34 15.98 -15.31 11.02
CA ILE B 34 16.73 -14.11 10.70
C ILE B 34 18.02 -14.05 11.52
N LYS B 35 19.13 -13.79 10.83
CA LYS B 35 20.43 -13.71 11.47
C LYS B 35 21.07 -12.35 11.28
N GLN B 36 20.78 -11.72 10.14
CA GLN B 36 21.33 -10.41 9.85
C GLN B 36 20.43 -9.63 8.89
N LEU B 37 20.08 -8.41 9.28
CA LEU B 37 19.25 -7.55 8.45
C LEU B 37 20.16 -6.97 7.38
N LEU B 38 19.75 -7.07 6.12
CA LEU B 38 20.60 -6.57 5.04
C LEU B 38 20.09 -5.29 4.40
N PHE B 39 18.79 -5.09 4.45
CA PHE B 39 18.20 -3.92 3.83
C PHE B 39 16.78 -3.70 4.32
N HIS B 40 16.41 -2.43 4.44
CA HIS B 40 15.06 -2.07 4.83
C HIS B 40 14.73 -0.71 4.27
N THR B 41 13.48 -0.52 3.89
CA THR B 41 13.02 0.75 3.36
C THR B 41 11.67 0.93 4.04
N PRO B 42 11.32 2.18 4.41
CA PRO B 42 10.08 2.57 5.10
C PRO B 42 8.74 2.27 4.46
N HIS B 43 8.61 2.55 3.16
CA HIS B 43 7.34 2.35 2.48
C HIS B 43 7.41 1.59 1.17
N ALA B 44 6.72 0.45 1.12
CA ALA B 44 6.68 -0.39 -0.08
C ALA B 44 5.29 -0.98 -0.19
N SER B 45 4.76 -1.01 -1.40
CA SER B 45 3.42 -1.55 -1.62
C SER B 45 3.53 -2.74 -2.58
N LEU B 46 2.81 -3.81 -2.26
CA LEU B 46 2.86 -5.06 -3.03
C LEU B 46 1.73 -5.30 -4.04
N TYR B 47 2.11 -5.72 -5.25
CA TYR B 47 1.18 -6.06 -6.31
C TYR B 47 1.59 -7.41 -6.89
N LYS B 48 0.63 -8.09 -7.50
CA LYS B 48 0.89 -9.37 -8.12
C LYS B 48 0.37 -9.33 -9.55
N TRP B 49 1.17 -9.85 -10.48
CA TRP B 49 0.80 -9.86 -11.89
C TRP B 49 -0.17 -10.98 -12.22
N ASP B 50 -1.26 -10.63 -12.89
CA ASP B 50 -2.26 -11.60 -13.31
C ASP B 50 -2.06 -11.90 -14.79
N PHE B 51 -1.58 -13.11 -15.09
CA PHE B 51 -1.33 -13.50 -16.47
C PHE B 51 -2.57 -13.61 -17.32
N LYS B 52 -3.68 -14.05 -16.72
CA LYS B 52 -4.93 -14.18 -17.45
C LYS B 52 -5.40 -12.85 -18.02
N LYS B 53 -5.50 -11.84 -17.15
CA LYS B 53 -5.97 -10.53 -17.57
C LYS B 53 -4.86 -9.53 -17.91
N ASP B 54 -3.61 -9.96 -17.80
CA ASP B 54 -2.47 -9.08 -18.08
C ASP B 54 -2.58 -7.74 -17.40
N GLU B 55 -2.58 -7.75 -16.07
CA GLU B 55 -2.66 -6.52 -15.30
C GLU B 55 -2.11 -6.75 -13.90
N TRP B 56 -1.81 -5.67 -13.21
CA TRP B 56 -1.30 -5.75 -11.86
C TRP B 56 -2.45 -5.75 -10.86
N ASN B 57 -2.50 -6.75 -9.98
CA ASN B 57 -3.53 -6.79 -8.95
C ASN B 57 -2.90 -6.31 -7.67
N LYS B 58 -3.54 -5.34 -7.02
CA LYS B 58 -3.04 -4.81 -5.76
C LYS B 58 -3.29 -5.82 -4.65
N LEU B 59 -2.26 -6.16 -3.88
CA LEU B 59 -2.42 -7.09 -2.78
C LEU B 59 -2.50 -6.29 -1.48
N GLU B 60 -3.05 -6.89 -0.43
CA GLU B 60 -3.21 -6.22 0.85
C GLU B 60 -1.95 -6.07 1.69
N TYR B 61 -0.84 -5.68 1.09
CA TYR B 61 0.38 -5.50 1.85
C TYR B 61 1.13 -4.25 1.45
N GLN B 62 1.43 -3.42 2.45
CA GLN B 62 2.17 -2.16 2.26
C GLN B 62 2.78 -1.85 3.61
N GLY B 63 4.01 -1.35 3.62
CA GLY B 63 4.66 -1.04 4.87
C GLY B 63 6.16 -1.16 4.77
N VAL B 64 6.79 -1.54 5.88
CA VAL B 64 8.24 -1.69 5.89
C VAL B 64 8.67 -2.94 5.14
N LEU B 65 9.63 -2.78 4.24
CA LEU B 65 10.15 -3.88 3.44
C LEU B 65 11.58 -4.15 3.88
N ALA B 66 11.87 -5.41 4.19
CA ALA B 66 13.22 -5.76 4.61
C ALA B 66 13.70 -7.03 3.92
N ILE B 67 15.00 -7.10 3.69
CA ILE B 67 15.64 -8.27 3.10
C ILE B 67 16.71 -8.65 4.12
N TYR B 68 16.72 -9.91 4.50
CA TYR B 68 17.66 -10.33 5.52
C TYR B 68 18.22 -11.71 5.27
N LEU B 69 19.34 -11.98 5.93
CA LEU B 69 20.03 -13.26 5.81
C LEU B 69 19.47 -14.21 6.86
N ARG B 70 19.24 -15.45 6.47
CA ARG B 70 18.69 -16.44 7.36
C ARG B 70 19.77 -17.44 7.78
N ASP B 71 19.63 -17.98 8.98
CA ASP B 71 20.59 -18.95 9.48
C ASP B 71 20.07 -20.35 9.17
N VAL B 72 20.60 -20.95 8.11
CA VAL B 72 20.19 -22.29 7.71
C VAL B 72 21.37 -23.25 7.83
N SER B 73 22.37 -22.86 8.62
CA SER B 73 23.56 -23.67 8.84
C SER B 73 23.25 -24.97 9.57
N GLN B 74 24.02 -26.00 9.28
CA GLN B 74 23.85 -27.31 9.91
C GLN B 74 24.81 -27.47 11.07
N ASN B 75 25.84 -26.62 11.12
CA ASN B 75 26.84 -26.68 12.17
C ASN B 75 26.31 -26.07 13.47
N THR B 76 25.30 -26.73 14.05
CA THR B 76 24.69 -26.26 15.30
C THR B 76 24.10 -27.44 16.07
N ASN B 77 24.13 -27.35 17.40
CA ASN B 77 23.61 -28.40 18.25
C ASN B 77 22.11 -28.21 18.52
N LEU B 78 21.53 -27.18 17.91
CA LEU B 78 20.12 -26.90 18.08
C LEU B 78 19.26 -27.74 17.13
N LEU B 79 19.89 -28.62 16.37
CA LEU B 79 19.18 -29.47 15.42
C LEU B 79 19.03 -30.91 15.90
N PRO B 80 17.79 -31.42 15.91
CA PRO B 80 17.50 -32.80 16.34
C PRO B 80 18.18 -33.81 15.42
N LYS B 135 17.08 -29.67 5.89
CA LYS B 135 17.91 -28.79 5.08
C LYS B 135 17.04 -27.68 4.47
N ASP B 136 17.21 -26.46 4.97
CA ASP B 136 16.45 -25.32 4.48
C ASP B 136 17.26 -24.63 3.39
N ILE B 137 16.64 -24.43 2.23
CA ILE B 137 17.31 -23.81 1.09
C ILE B 137 17.14 -22.28 1.00
N TYR B 138 16.33 -21.71 1.87
CA TYR B 138 16.12 -20.26 1.82
C TYR B 138 17.15 -19.51 2.65
N ASN B 139 18.28 -19.20 2.02
CA ASN B 139 19.38 -18.48 2.64
C ASN B 139 19.00 -17.05 3.00
N TYR B 140 18.08 -16.47 2.25
CA TYR B 140 17.67 -15.09 2.48
C TYR B 140 16.16 -14.98 2.45
N GLY B 141 15.66 -13.91 3.04
CA GLY B 141 14.22 -13.71 3.07
C GLY B 141 13.86 -12.27 2.83
N LEU B 142 12.64 -12.08 2.34
CA LEU B 142 12.12 -10.75 2.09
C LEU B 142 10.81 -10.69 2.87
N ILE B 143 10.55 -9.56 3.51
CA ILE B 143 9.32 -9.43 4.27
C ILE B 143 8.80 -7.99 4.21
N ILE B 144 7.48 -7.88 4.17
CA ILE B 144 6.83 -6.58 4.18
C ILE B 144 5.92 -6.61 5.41
N LEU B 145 6.13 -5.65 6.30
CA LEU B 145 5.36 -5.58 7.54
C LEU B 145 4.36 -4.44 7.44
N ASN B 146 3.07 -4.75 7.35
CA ASN B 146 2.06 -3.69 7.26
C ASN B 146 2.13 -2.76 8.47
N ARG B 147 2.03 -1.46 8.20
CA ARG B 147 2.09 -0.42 9.23
C ARG B 147 0.73 -0.11 9.82
N ILE B 148 -0.30 -0.15 8.98
CA ILE B 148 -1.65 0.17 9.39
C ILE B 148 -2.43 -0.98 10.02
N ASN B 149 -1.98 -2.22 9.77
CA ASN B 149 -2.61 -3.39 10.38
C ASN B 149 -1.49 -4.40 10.61
N PRO B 150 -1.79 -5.51 11.31
CA PRO B 150 -0.75 -6.51 11.57
C PRO B 150 -0.44 -7.58 10.52
N ASP B 151 -0.72 -7.30 9.25
CA ASP B 151 -0.43 -8.30 8.22
C ASP B 151 1.02 -8.27 7.71
N ASN B 152 1.56 -9.44 7.40
CA ASN B 152 2.91 -9.56 6.87
C ASN B 152 2.91 -10.39 5.58
N PHE B 153 3.82 -10.07 4.68
CA PHE B 153 3.99 -10.81 3.43
C PHE B 153 5.44 -11.33 3.49
N SER B 154 5.60 -12.63 3.27
CA SER B 154 6.93 -13.24 3.29
C SER B 154 7.28 -13.94 1.99
N MET B 155 8.55 -13.84 1.60
CA MET B 155 9.05 -14.49 0.39
C MET B 155 10.49 -14.95 0.63
N GLY B 156 10.76 -16.21 0.32
CA GLY B 156 12.11 -16.73 0.51
C GLY B 156 12.97 -16.46 -0.70
N ILE B 157 14.27 -16.26 -0.51
CA ILE B 157 15.16 -16.01 -1.63
C ILE B 157 16.24 -17.10 -1.70
N VAL B 158 16.26 -17.84 -2.80
CA VAL B 158 17.24 -18.93 -2.99
C VAL B 158 18.20 -18.64 -4.14
N PRO B 159 19.51 -18.75 -3.89
CA PRO B 159 20.49 -18.49 -4.95
C PRO B 159 20.31 -19.41 -6.15
N ASN B 160 20.58 -18.89 -7.35
CA ASN B 160 20.46 -19.68 -8.57
C ASN B 160 21.30 -20.96 -8.52
N SER B 161 22.52 -20.85 -7.97
CA SER B 161 23.39 -22.02 -7.88
C SER B 161 22.74 -23.15 -7.10
N VAL B 162 21.96 -22.79 -6.08
CA VAL B 162 21.29 -23.81 -5.28
C VAL B 162 20.14 -24.42 -6.06
N VAL B 163 19.40 -23.59 -6.79
CA VAL B 163 18.29 -24.10 -7.60
C VAL B 163 18.81 -25.00 -8.72
N ASN B 164 19.91 -24.60 -9.37
CA ASN B 164 20.48 -25.38 -10.46
C ASN B 164 21.01 -26.72 -9.96
N LYS B 165 21.71 -26.71 -8.83
CA LYS B 165 22.23 -27.95 -8.26
C LYS B 165 21.06 -28.88 -7.96
N ARG B 166 20.04 -28.32 -7.32
CA ARG B 166 18.84 -29.07 -6.96
C ARG B 166 18.20 -29.74 -8.18
N LYS B 167 18.11 -29.01 -9.29
CA LYS B 167 17.51 -29.56 -10.51
C LYS B 167 18.25 -30.79 -11.01
N VAL B 168 19.55 -30.85 -10.74
CA VAL B 168 20.37 -31.96 -11.19
C VAL B 168 20.50 -33.11 -10.20
N PHE B 169 20.91 -32.82 -8.97
CA PHE B 169 21.12 -33.86 -7.96
C PHE B 169 19.99 -34.18 -6.99
N ASN B 170 18.80 -33.66 -7.24
CA ASN B 170 17.67 -33.91 -6.36
C ASN B 170 16.40 -33.75 -7.18
N ALA B 171 16.42 -34.32 -8.38
CA ALA B 171 15.32 -34.25 -9.31
C ALA B 171 14.02 -34.85 -8.77
N GLU B 172 14.15 -35.80 -7.85
CA GLU B 172 12.97 -36.44 -7.26
C GLU B 172 12.17 -35.45 -6.44
N GLU B 173 12.83 -34.72 -5.56
CA GLU B 173 12.15 -33.73 -4.73
C GLU B 173 11.72 -32.56 -5.62
N ASP B 174 12.41 -32.38 -6.75
CA ASP B 174 12.10 -31.30 -7.67
C ASP B 174 10.84 -31.60 -8.47
N THR B 175 10.78 -32.79 -9.06
CA THR B 175 9.62 -33.19 -9.85
C THR B 175 8.35 -33.17 -9.01
N LEU B 176 8.52 -33.24 -7.69
CA LEU B 176 7.39 -33.21 -6.77
C LEU B 176 7.02 -31.77 -6.44
N ASN B 177 8.05 -30.95 -6.27
CA ASN B 177 7.88 -29.53 -5.95
C ASN B 177 8.84 -28.72 -6.84
N PRO B 178 8.53 -28.61 -8.15
CA PRO B 178 9.34 -27.88 -9.12
C PRO B 178 9.75 -26.48 -8.68
N LEU B 179 11.04 -26.18 -8.82
CA LEU B 179 11.59 -24.89 -8.46
C LEU B 179 12.50 -24.39 -9.58
N GLU B 180 12.30 -23.13 -9.98
CA GLU B 180 13.12 -22.53 -11.02
C GLU B 180 13.78 -21.25 -10.51
N CYS B 181 14.85 -20.84 -11.18
CA CYS B 181 15.58 -19.64 -10.76
C CYS B 181 14.70 -18.40 -10.68
N MET B 182 14.84 -17.67 -9.57
CA MET B 182 14.10 -16.46 -9.35
C MET B 182 14.72 -15.37 -10.22
N GLY B 183 14.04 -14.22 -10.29
CA GLY B 183 14.54 -13.12 -11.08
C GLY B 183 14.12 -11.76 -10.55
N VAL B 184 14.86 -10.72 -10.92
CA VAL B 184 14.55 -9.37 -10.50
C VAL B 184 14.89 -8.36 -11.57
N GLU B 185 14.08 -7.31 -11.64
CA GLU B 185 14.28 -6.24 -12.61
C GLU B 185 13.58 -5.00 -12.11
N VAL B 186 13.96 -3.87 -12.67
CA VAL B 186 13.34 -2.62 -12.32
C VAL B 186 12.66 -2.12 -13.59
N LYS B 187 11.35 -1.91 -13.51
CA LYS B 187 10.60 -1.43 -14.64
C LYS B 187 9.88 -0.16 -14.21
N ASP B 188 10.44 0.97 -14.65
CA ASP B 188 9.92 2.28 -14.31
C ASP B 188 9.92 2.48 -12.79
N GLU B 189 8.75 2.44 -12.18
CA GLU B 189 8.65 2.66 -10.73
C GLU B 189 8.62 1.38 -9.89
N LEU B 190 8.45 0.23 -10.55
CA LEU B 190 8.36 -1.03 -9.84
C LEU B 190 9.61 -1.91 -9.82
N VAL B 191 9.76 -2.65 -8.73
CA VAL B 191 10.84 -3.62 -8.65
C VAL B 191 10.03 -4.89 -8.86
N ILE B 192 10.35 -5.61 -9.93
CA ILE B 192 9.64 -6.82 -10.29
C ILE B 192 10.42 -8.08 -9.90
N ILE B 193 9.79 -8.93 -9.10
CA ILE B 193 10.41 -10.13 -8.63
C ILE B 193 9.67 -11.38 -9.08
N LYS B 194 10.41 -12.32 -9.67
CA LYS B 194 9.85 -13.58 -10.14
C LYS B 194 10.16 -14.65 -9.10
N ASN B 195 9.11 -15.32 -8.67
CA ASN B 195 9.08 -16.38 -7.68
C ASN B 195 9.83 -17.64 -8.14
N LEU B 196 10.02 -18.57 -7.22
CA LEU B 196 10.65 -19.86 -7.52
C LEU B 196 9.63 -20.67 -8.31
N LYS B 197 8.37 -20.22 -8.27
CA LYS B 197 7.26 -20.87 -8.96
C LYS B 197 6.85 -20.10 -10.20
N HIS B 198 7.68 -19.13 -10.59
CA HIS B 198 7.41 -18.31 -11.76
C HIS B 198 6.30 -17.27 -11.54
N GLU B 199 5.90 -17.06 -10.29
CA GLU B 199 4.87 -16.06 -10.01
C GLU B 199 5.59 -14.71 -10.01
N VAL B 200 4.92 -13.69 -10.54
CA VAL B 200 5.51 -12.36 -10.63
C VAL B 200 4.87 -11.33 -9.71
N TYR B 201 5.70 -10.70 -8.87
CA TYR B 201 5.24 -9.67 -7.95
C TYR B 201 5.87 -8.35 -8.32
N GLY B 202 5.17 -7.27 -8.02
CA GLY B 202 5.67 -5.93 -8.29
C GLY B 202 5.69 -5.19 -6.97
N ILE B 203 6.79 -4.50 -6.67
CA ILE B 203 6.87 -3.77 -5.42
C ILE B 203 7.13 -2.30 -5.70
N TRP B 204 6.19 -1.44 -5.31
CA TRP B 204 6.35 0.00 -5.49
C TRP B 204 7.06 0.50 -4.25
N ILE B 205 8.20 1.15 -4.43
CA ILE B 205 8.95 1.66 -3.30
C ILE B 205 9.00 3.19 -3.35
N HIS B 206 8.58 3.82 -2.25
CA HIS B 206 8.55 5.27 -2.17
C HIS B 206 9.93 5.93 -2.29
N THR B 207 10.90 5.46 -1.52
CA THR B 207 12.25 6.04 -1.60
C THR B 207 12.83 5.67 -2.96
N VAL B 208 12.92 6.66 -3.84
CA VAL B 208 13.43 6.44 -5.19
C VAL B 208 14.72 5.65 -5.25
N SER B 209 15.77 6.18 -4.62
CA SER B 209 17.08 5.53 -4.62
C SER B 209 17.07 4.10 -4.08
N ASP B 210 16.07 3.75 -3.27
CA ASP B 210 16.01 2.40 -2.74
C ASP B 210 15.59 1.34 -3.75
N ARG B 211 14.99 1.77 -4.85
CA ARG B 211 14.56 0.83 -5.88
C ARG B 211 15.76 0.17 -6.54
N GLN B 212 16.74 0.99 -6.90
CA GLN B 212 17.95 0.50 -7.54
C GLN B 212 18.78 -0.34 -6.55
N ASN B 213 18.83 0.11 -5.31
CA ASN B 213 19.58 -0.61 -4.29
C ASN B 213 19.01 -1.98 -3.96
N ILE B 214 17.68 -2.11 -3.94
CA ILE B 214 17.09 -3.39 -3.62
C ILE B 214 17.30 -4.33 -4.82
N TYR B 215 17.20 -3.77 -6.02
CA TYR B 215 17.40 -4.53 -7.23
C TYR B 215 18.82 -5.09 -7.26
N GLU B 216 19.78 -4.26 -6.89
CA GLU B 216 21.19 -4.63 -6.86
C GLU B 216 21.47 -5.71 -5.81
N LEU B 217 20.86 -5.56 -4.64
CA LEU B 217 21.05 -6.55 -3.58
C LEU B 217 20.46 -7.91 -3.94
N ILE B 218 19.22 -7.94 -4.41
CA ILE B 218 18.61 -9.21 -4.76
C ILE B 218 19.36 -9.90 -5.90
N LYS B 219 19.77 -9.11 -6.88
CA LYS B 219 20.52 -9.59 -8.03
C LYS B 219 21.78 -10.27 -7.51
N TYR B 220 22.46 -9.59 -6.59
CA TYR B 220 23.69 -10.12 -6.01
C TYR B 220 23.46 -11.40 -5.22
N LEU B 221 22.36 -11.47 -4.49
CA LEU B 221 22.07 -12.66 -3.69
C LEU B 221 21.70 -13.83 -4.60
N LEU B 222 21.07 -13.53 -5.72
CA LEU B 222 20.67 -14.59 -6.65
C LEU B 222 21.84 -15.14 -7.47
N GLU B 223 22.72 -14.25 -7.91
CA GLU B 223 23.88 -14.57 -8.75
C GLU B 223 25.10 -15.14 -8.05
N ASN B 224 25.14 -15.10 -6.74
CA ASN B 224 26.31 -15.63 -6.05
C ASN B 224 26.03 -16.85 -5.21
N GLU B 225 27.11 -17.46 -4.72
CA GLU B 225 27.07 -18.64 -3.90
C GLU B 225 26.41 -18.31 -2.55
N PRO B 226 25.73 -19.29 -1.94
CA PRO B 226 25.08 -19.04 -0.65
C PRO B 226 26.07 -18.50 0.36
N LYS B 227 25.65 -17.44 1.06
CA LYS B 227 26.48 -16.81 2.06
C LYS B 227 25.90 -17.06 3.44
N ASP B 228 26.79 -17.34 4.39
CA ASP B 228 26.36 -17.63 5.74
C ASP B 228 26.40 -16.38 6.62
N SER B 229 27.13 -15.35 6.20
CA SER B 229 27.19 -14.12 6.98
C SER B 229 27.67 -12.92 6.17
N PHE B 230 27.36 -11.74 6.68
CA PHE B 230 27.74 -10.48 6.08
C PHE B 230 27.92 -10.61 4.56
N ALA B 231 26.82 -10.40 3.84
CA ALA B 231 26.76 -10.48 2.37
C ALA B 231 25.71 -11.51 1.98
#